data_5N7U
#
_entry.id   5N7U
#
_cell.length_a   58.397
_cell.length_b   72.595
_cell.length_c   108.745
_cell.angle_alpha   90.00
_cell.angle_beta   90.00
_cell.angle_gamma   90.00
#
_symmetry.space_group_name_H-M   'P 21 21 21'
#
loop_
_entity.id
_entity.type
_entity.pdbx_description
1 polymer 'cAMP-dependent protein kinase catalytic subunit alpha'
2 polymer 'cAMP-dependent protein kinase inhibitor'
3 non-polymer (4S)-2-METHYL-2,4-PENTANEDIOL
4 non-polymer 4-bromanyl-3,5-dimethyl-1~{H}-pyrazole
5 water water
#
loop_
_entity_poly.entity_id
_entity_poly.type
_entity_poly.pdbx_seq_one_letter_code
_entity_poly.pdbx_strand_id
1 'polypeptide(L)'
;GHMGNAAAAKKG(SEP)EQESVKEFLAKAKEEFLKKWESPSQNTAQLDHFDRIKTLGTGSFGRVMLVKHKETGNHYAMKI
LDKQKVVKLKQIEHTLNEKRILQAVNFPFLVKLEFSFKDNSNLYMVMEYVPGGEMFSHLRRIGRFSEPHARFYAAQIVLT
FEYLHSLDLIYRDLKPENLLIDQQGYIQVTDFGFAKRVKGRTW(TPO)LCGTPEYLAPEIILSKGYNKAVDWWALGVLIY
EMAAGYPPFFADQPIQIYEKIVSGKVRFPSHFSSDLKDLLRNLLQVDLTKRFGNLKNGVNDIKNHKWFATTDWIAIYQRK
VEAPFIPKFKGPGDTSNFDDYEEEEIRV(SEP)INEKCGKEFTEF
;
A
2 'polypeptide(L)' IAAGRTGRRQAIHDILVAA B
#
# COMPACT_ATOMS: atom_id res chain seq x y z
N GLY A 1 -21.78 -26.37 15.81
CA GLY A 1 -20.59 -25.75 15.18
C GLY A 1 -20.26 -24.44 15.86
N HIS A 2 -19.35 -23.66 15.29
CA HIS A 2 -19.00 -22.37 15.89
C HIS A 2 -20.13 -21.35 15.77
N MET A 3 -20.82 -21.31 14.64
CA MET A 3 -21.91 -20.38 14.44
C MET A 3 -23.24 -21.10 14.59
N GLY A 4 -24.19 -20.45 15.24
CA GLY A 4 -25.56 -20.90 15.18
C GLY A 4 -26.16 -20.59 13.81
N ASN A 5 -27.41 -21.03 13.66
CA ASN A 5 -28.12 -20.90 12.38
C ASN A 5 -28.13 -19.45 11.89
N ALA A 6 -28.54 -18.51 12.76
CA ALA A 6 -28.72 -17.13 12.31
C ALA A 6 -27.38 -16.51 11.91
N ALA A 7 -26.35 -16.77 12.70
CA ALA A 7 -25.04 -16.21 12.38
C ALA A 7 -24.49 -16.80 11.10
N ALA A 8 -24.68 -18.11 10.90
CA ALA A 8 -24.17 -18.73 9.69
C ALA A 8 -24.88 -18.20 8.45
N ALA A 9 -26.20 -17.99 8.55
CA ALA A 9 -26.95 -17.45 7.42
C ALA A 9 -26.51 -16.02 7.10
N LYS A 10 -26.29 -15.21 8.14
CA LYS A 10 -25.90 -13.83 7.93
C LYS A 10 -24.54 -13.76 7.27
N LYS A 11 -23.59 -14.60 7.73
CA LYS A 11 -22.25 -14.61 7.14
C LYS A 11 -22.30 -15.07 5.70
N GLY A 12 -23.06 -16.11 5.40
CA GLY A 12 -23.12 -16.58 4.02
C GLY A 12 -23.68 -15.51 3.08
N GLU A 14 -23.63 -12.30 3.61
CA GLU A 14 -22.61 -11.26 3.53
C GLU A 14 -21.54 -11.61 2.48
N GLN A 15 -21.10 -12.86 2.49
CA GLN A 15 -20.06 -13.30 1.56
C GLN A 15 -20.56 -13.28 0.12
N GLU A 16 -21.83 -13.65 -0.09
CA GLU A 16 -22.40 -13.55 -1.43
C GLU A 16 -22.48 -12.10 -1.89
N SER A 17 -22.87 -11.19 -1.00
N SER A 17 -22.86 -11.20 -0.97
CA SER A 17 -22.90 -9.77 -1.34
CA SER A 17 -22.91 -9.77 -1.28
C SER A 17 -21.52 -9.23 -1.68
C SER A 17 -21.53 -9.23 -1.67
N VAL A 18 -20.47 -9.72 -1.02
CA VAL A 18 -19.12 -9.30 -1.41
C VAL A 18 -18.86 -9.70 -2.85
N LYS A 19 -19.22 -10.94 -3.22
CA LYS A 19 -19.03 -11.38 -4.60
C LYS A 19 -19.75 -10.45 -5.57
N GLU A 20 -20.97 -10.05 -5.25
CA GLU A 20 -21.71 -9.17 -6.14
C GLU A 20 -21.02 -7.81 -6.28
N PHE A 21 -20.54 -7.28 -5.17
CA PHE A 21 -19.82 -6.01 -5.18
C PHE A 21 -18.56 -6.12 -6.03
N LEU A 22 -17.80 -7.19 -5.85
CA LEU A 22 -16.54 -7.31 -6.58
C LEU A 22 -16.79 -7.48 -8.07
N ALA A 23 -17.87 -8.17 -8.45
CA ALA A 23 -18.12 -8.34 -9.87
C ALA A 23 -18.38 -6.99 -10.52
N LYS A 24 -19.15 -6.14 -9.83
CA LYS A 24 -19.41 -4.82 -10.38
C LYS A 24 -18.16 -3.96 -10.38
N ALA A 25 -17.33 -4.08 -9.34
CA ALA A 25 -16.11 -3.29 -9.29
C ALA A 25 -15.17 -3.69 -10.40
N LYS A 26 -15.17 -4.95 -10.78
CA LYS A 26 -14.31 -5.41 -11.87
C LYS A 26 -14.79 -4.85 -13.20
N GLU A 27 -16.10 -4.82 -13.42
CA GLU A 27 -16.60 -4.21 -14.64
C GLU A 27 -16.20 -2.74 -14.71
N GLU A 28 -16.28 -2.01 -13.59
CA GLU A 28 -15.92 -0.60 -13.62
C GLU A 28 -14.42 -0.42 -13.84
N PHE A 29 -13.60 -1.24 -13.18
CA PHE A 29 -12.15 -1.18 -13.37
C PHE A 29 -11.77 -1.41 -14.83
N LEU A 30 -12.32 -2.44 -15.47
CA LEU A 30 -11.88 -2.80 -16.80
C LEU A 30 -12.21 -1.72 -17.80
N LYS A 31 -13.33 -1.04 -17.63
CA LYS A 31 -13.62 0.08 -18.53
C LYS A 31 -12.48 1.09 -18.51
N LYS A 32 -12.04 1.50 -17.30
CA LYS A 32 -10.95 2.47 -17.19
C LYS A 32 -9.59 1.88 -17.55
N TRP A 33 -9.40 0.59 -17.32
CA TRP A 33 -8.11 -0.04 -17.60
C TRP A 33 -7.85 -0.08 -19.10
N GLU A 34 -8.91 -0.27 -19.88
CA GLU A 34 -8.84 -0.38 -21.33
C GLU A 34 -8.91 0.97 -22.02
N SER A 35 -9.13 2.06 -21.27
CA SER A 35 -9.20 3.41 -21.84
C SER A 35 -8.64 4.42 -20.85
N PRO A 36 -7.33 4.39 -20.61
CA PRO A 36 -6.76 5.27 -19.58
C PRO A 36 -6.80 6.73 -19.99
N SER A 37 -6.72 7.60 -18.98
CA SER A 37 -6.57 9.02 -19.20
C SER A 37 -5.10 9.39 -19.16
N GLN A 38 -4.78 10.56 -19.72
CA GLN A 38 -3.40 10.99 -19.82
C GLN A 38 -3.39 12.47 -20.18
N ASN A 39 -2.29 13.14 -19.80
CA ASN A 39 -2.04 14.53 -20.20
C ASN A 39 -3.14 15.48 -19.72
N THR A 40 -3.58 15.30 -18.49
CA THR A 40 -4.72 16.04 -17.98
C THR A 40 -4.31 17.33 -17.26
N ALA A 41 -3.05 17.77 -17.37
CA ALA A 41 -2.59 19.03 -16.75
C ALA A 41 -1.15 19.30 -17.21
N GLN A 42 -0.56 20.38 -16.69
CA GLN A 42 0.84 20.70 -16.95
C GLN A 42 1.45 21.39 -15.73
N LEU A 43 2.79 21.42 -15.69
CA LEU A 43 3.50 21.81 -14.48
C LEU A 43 3.13 23.21 -14.03
N ASP A 44 3.08 24.15 -14.97
CA ASP A 44 2.83 25.56 -14.67
C ASP A 44 1.43 25.79 -14.10
N HIS A 45 0.61 24.74 -14.03
CA HIS A 45 -0.69 24.87 -13.40
C HIS A 45 -0.62 24.81 -11.89
N PHE A 46 0.55 24.60 -11.31
CA PHE A 46 0.64 24.35 -9.88
C PHE A 46 1.75 25.19 -9.28
N ASP A 47 1.51 25.66 -8.06
CA ASP A 47 2.55 26.23 -7.22
C ASP A 47 3.11 25.12 -6.32
N ARG A 48 4.43 24.96 -6.32
CA ARG A 48 5.07 23.94 -5.51
C ARG A 48 5.37 24.51 -4.13
N ILE A 49 4.96 23.78 -3.09
CA ILE A 49 4.96 24.30 -1.72
C ILE A 49 6.05 23.68 -0.88
N LYS A 50 6.10 22.34 -0.80
CA LYS A 50 6.98 21.68 0.14
C LYS A 50 7.11 20.21 -0.25
N THR A 51 8.27 19.63 0.06
CA THR A 51 8.48 18.21 -0.16
C THR A 51 7.87 17.42 1.01
N LEU A 52 6.97 16.49 0.71
CA LEU A 52 6.31 15.66 1.71
C LEU A 52 7.00 14.33 1.92
N GLY A 53 7.80 13.88 0.97
CA GLY A 53 8.50 12.62 1.07
C GLY A 53 9.43 12.46 -0.11
N THR A 54 10.38 11.56 0.03
CA THR A 54 11.32 11.30 -1.04
C THR A 54 11.39 9.80 -1.31
N GLY A 55 11.93 9.49 -2.48
CA GLY A 55 12.18 8.13 -2.91
C GLY A 55 13.37 8.06 -3.84
N SER A 56 13.57 6.89 -4.47
CA SER A 56 14.74 6.69 -5.31
C SER A 56 14.67 7.54 -6.57
N PHE A 57 13.49 7.68 -7.15
CA PHE A 57 13.34 8.30 -8.46
C PHE A 57 12.92 9.76 -8.40
N GLY A 58 12.62 10.28 -7.21
CA GLY A 58 12.22 11.68 -7.07
C GLY A 58 11.64 12.03 -5.71
N ARG A 59 10.49 12.71 -5.71
CA ARG A 59 9.91 13.18 -4.47
C ARG A 59 8.40 13.24 -4.64
N VAL A 60 7.70 13.38 -3.52
CA VAL A 60 6.31 13.81 -3.50
C VAL A 60 6.26 15.21 -2.88
N MET A 61 5.60 16.13 -3.56
CA MET A 61 5.52 17.52 -3.11
C MET A 61 4.07 17.91 -2.89
N LEU A 62 3.84 18.70 -1.85
CA LEU A 62 2.60 19.43 -1.76
C LEU A 62 2.61 20.52 -2.81
N VAL A 63 1.56 20.57 -3.63
CA VAL A 63 1.40 21.60 -4.64
C VAL A 63 0.03 22.22 -4.45
N LYS A 64 -0.13 23.43 -5.01
CA LYS A 64 -1.40 24.12 -4.99
C LYS A 64 -1.79 24.42 -6.44
N HIS A 65 -2.94 23.91 -6.86
CA HIS A 65 -3.41 24.17 -8.21
C HIS A 65 -3.78 25.65 -8.32
N LYS A 66 -3.22 26.34 -9.32
CA LYS A 66 -3.34 27.80 -9.33
C LYS A 66 -4.79 28.22 -9.55
N GLU A 67 -5.49 27.56 -10.48
CA GLU A 67 -6.81 28.06 -10.87
C GLU A 67 -7.86 27.77 -9.81
N THR A 68 -7.84 26.57 -9.22
CA THR A 68 -8.85 26.19 -8.25
C THR A 68 -8.40 26.43 -6.81
N GLY A 69 -7.10 26.48 -6.55
CA GLY A 69 -6.61 26.63 -5.20
C GLY A 69 -6.59 25.35 -4.39
N ASN A 70 -7.03 24.23 -4.97
CA ASN A 70 -6.97 22.96 -4.28
C ASN A 70 -5.52 22.54 -4.12
N HIS A 71 -5.24 21.88 -3.00
CA HIS A 71 -3.92 21.31 -2.75
C HIS A 71 -3.91 19.86 -3.18
N TYR A 72 -2.77 19.42 -3.67
CA TYR A 72 -2.59 18.05 -4.12
C TYR A 72 -1.19 17.58 -3.73
N ALA A 73 -1.00 16.27 -3.77
CA ALA A 73 0.32 15.67 -3.63
C ALA A 73 0.81 15.29 -5.03
N MET A 74 1.93 15.84 -5.45
CA MET A 74 2.49 15.60 -6.78
C MET A 74 3.73 14.72 -6.66
N LYS A 75 3.66 13.52 -7.19
CA LYS A 75 4.83 12.65 -7.28
C LYS A 75 5.59 12.98 -8.56
N ILE A 76 6.88 13.29 -8.42
CA ILE A 76 7.75 13.66 -9.52
C ILE A 76 8.80 12.57 -9.67
N LEU A 77 8.91 12.02 -10.86
CA LEU A 77 9.93 11.02 -11.17
C LEU A 77 10.85 11.56 -12.24
N ASP A 78 12.14 11.55 -11.96
CA ASP A 78 13.14 11.94 -12.94
C ASP A 78 13.28 10.82 -13.97
N LYS A 79 12.96 11.11 -15.24
CA LYS A 79 12.92 10.03 -16.22
C LYS A 79 14.26 9.33 -16.35
N GLN A 80 15.36 10.10 -16.28
CA GLN A 80 16.68 9.48 -16.36
C GLN A 80 16.92 8.53 -15.19
N LYS A 81 16.47 8.90 -13.98
CA LYS A 81 16.67 8.05 -12.81
C LYS A 81 15.90 6.75 -12.94
N VAL A 82 14.78 6.78 -13.65
CA VAL A 82 14.01 5.58 -13.91
C VAL A 82 14.79 4.89 -15.02
N VAL A 83 15.94 4.32 -14.68
CA VAL A 83 16.90 3.85 -15.69
C VAL A 83 16.74 2.36 -15.95
N LYS A 84 16.57 1.56 -14.90
CA LYS A 84 16.51 0.11 -15.03
C LYS A 84 15.22 -0.32 -15.71
N LEU A 85 15.31 -1.41 -16.48
CA LEU A 85 14.15 -1.87 -17.26
C LEU A 85 12.92 -2.06 -16.40
N LYS A 86 13.08 -2.72 -15.24
N LYS A 86 13.07 -2.70 -15.23
CA LYS A 86 11.95 -2.91 -14.34
CA LYS A 86 11.88 -2.98 -14.46
C LYS A 86 11.55 -1.62 -13.65
C LYS A 86 11.17 -1.71 -14.00
N GLN A 87 12.44 -0.65 -13.53
N GLN A 87 11.94 -0.67 -13.67
CA GLN A 87 12.02 0.65 -13.03
CA GLN A 87 11.33 0.58 -13.20
C GLN A 87 11.02 1.30 -13.98
C GLN A 87 10.61 1.34 -14.30
N ILE A 88 11.22 1.15 -15.30
N ILE A 88 11.11 1.33 -15.54
CA ILE A 88 10.36 1.80 -16.30
CA ILE A 88 10.30 1.82 -16.65
C ILE A 88 8.97 1.13 -16.35
C ILE A 88 8.93 1.14 -16.61
N GLU A 89 8.93 -0.18 -16.57
CA GLU A 89 7.67 -0.94 -16.59
C GLU A 89 6.84 -0.66 -15.34
N HIS A 90 7.51 -0.62 -14.19
CA HIS A 90 6.81 -0.41 -12.94
C HIS A 90 6.14 0.97 -12.87
N THR A 91 6.78 1.99 -13.45
CA THR A 91 6.19 3.32 -13.47
C THR A 91 4.95 3.36 -14.36
N LEU A 92 4.97 2.65 -15.49
CA LEU A 92 3.78 2.57 -16.33
C LEU A 92 2.67 1.80 -15.62
N ASN A 93 3.00 0.70 -14.93
CA ASN A 93 2.03 0.00 -14.10
C ASN A 93 1.37 0.97 -13.11
N GLU A 94 2.20 1.73 -12.40
CA GLU A 94 1.73 2.60 -11.34
C GLU A 94 0.65 3.56 -11.84
N LYS A 95 0.94 4.26 -12.96
CA LYS A 95 0.00 5.25 -13.46
C LYS A 95 -1.27 4.58 -13.99
N ARG A 96 -1.12 3.50 -14.73
CA ARG A 96 -2.28 2.87 -15.34
C ARG A 96 -3.21 2.29 -14.27
N ILE A 97 -2.65 1.70 -13.22
CA ILE A 97 -3.47 1.14 -12.15
C ILE A 97 -4.15 2.26 -11.37
N LEU A 98 -3.38 3.28 -10.99
CA LEU A 98 -3.97 4.34 -10.19
C LEU A 98 -5.11 5.03 -10.92
N GLN A 99 -4.97 5.22 -12.23
CA GLN A 99 -6.06 5.88 -12.93
C GLN A 99 -7.33 5.03 -13.03
N ALA A 100 -7.24 3.72 -12.85
CA ALA A 100 -8.37 2.81 -13.08
C ALA A 100 -9.07 2.32 -11.81
N VAL A 101 -8.40 2.34 -10.66
CA VAL A 101 -8.99 1.80 -9.44
C VAL A 101 -9.90 2.84 -8.79
N ASN A 102 -10.75 2.37 -7.86
CA ASN A 102 -11.65 3.24 -7.12
C ASN A 102 -12.02 2.48 -5.85
N PHE A 103 -11.55 2.94 -4.69
CA PHE A 103 -11.85 2.28 -3.44
C PHE A 103 -11.60 3.29 -2.32
N PRO A 104 -12.34 3.23 -1.21
CA PRO A 104 -12.24 4.33 -0.22
C PRO A 104 -10.90 4.47 0.42
N PHE A 105 -10.06 3.43 0.38
CA PHE A 105 -8.77 3.43 1.06
C PHE A 105 -7.61 3.49 0.09
N LEU A 106 -7.88 3.81 -1.18
CA LEU A 106 -6.84 3.99 -2.19
C LEU A 106 -6.80 5.46 -2.57
N VAL A 107 -5.60 6.03 -2.62
CA VAL A 107 -5.51 7.44 -2.99
C VAL A 107 -6.04 7.66 -4.40
N LYS A 108 -6.61 8.85 -4.63
CA LYS A 108 -7.26 9.20 -5.90
C LYS A 108 -6.32 10.06 -6.75
N LEU A 109 -6.01 9.56 -7.94
CA LEU A 109 -5.21 10.28 -8.91
C LEU A 109 -6.08 11.28 -9.65
N GLU A 110 -5.63 12.52 -9.73
CA GLU A 110 -6.37 13.58 -10.40
C GLU A 110 -5.79 13.95 -11.75
N PHE A 111 -4.46 14.00 -11.88
CA PHE A 111 -3.83 14.36 -13.13
C PHE A 111 -2.54 13.57 -13.29
N SER A 112 -2.12 13.38 -14.53
CA SER A 112 -0.79 12.88 -14.81
C SER A 112 -0.31 13.55 -16.09
N PHE A 113 0.99 13.70 -16.21
CA PHE A 113 1.59 14.33 -17.38
C PHE A 113 3.09 14.15 -17.30
N LYS A 114 3.80 14.55 -18.36
CA LYS A 114 5.24 14.41 -18.40
C LYS A 114 5.80 15.60 -19.15
N ASP A 115 7.10 15.85 -18.96
CA ASP A 115 7.79 16.88 -19.73
C ASP A 115 9.13 16.32 -20.19
N ASN A 116 10.05 17.21 -20.54
CA ASN A 116 11.33 16.73 -21.09
C ASN A 116 12.12 15.91 -20.08
N SER A 117 11.96 16.20 -18.79
CA SER A 117 12.82 15.57 -17.79
C SER A 117 12.10 14.61 -16.88
N ASN A 118 10.82 14.85 -16.58
CA ASN A 118 10.14 14.17 -15.47
C ASN A 118 8.80 13.61 -15.89
N LEU A 119 8.33 12.67 -15.07
CA LEU A 119 6.95 12.19 -15.06
C LEU A 119 6.26 12.73 -13.82
N TYR A 120 4.96 13.02 -13.94
CA TYR A 120 4.20 13.63 -12.85
C TYR A 120 2.88 12.92 -12.60
N MET A 121 2.56 12.64 -11.33
CA MET A 121 1.28 12.08 -10.93
C MET A 121 0.74 12.92 -9.78
N VAL A 122 -0.43 13.50 -9.99
CA VAL A 122 -1.02 14.46 -9.07
C VAL A 122 -2.20 13.79 -8.40
N MET A 123 -2.09 13.59 -7.07
N MET A 123 -2.10 13.57 -7.08
CA MET A 123 -3.05 12.86 -6.26
CA MET A 123 -3.10 12.85 -6.30
C MET A 123 -3.67 13.77 -5.21
C MET A 123 -3.69 13.74 -5.20
N GLU A 124 -4.83 13.35 -4.71
N GLU A 124 -4.83 13.30 -4.67
CA GLU A 124 -5.41 14.04 -3.56
CA GLU A 124 -5.44 13.95 -3.51
C GLU A 124 -4.41 14.08 -2.42
C GLU A 124 -4.41 14.07 -2.39
N TYR A 125 -4.33 15.25 -1.77
CA TYR A 125 -3.45 15.44 -0.62
C TYR A 125 -4.11 14.85 0.61
N VAL A 126 -3.36 14.02 1.34
CA VAL A 126 -3.87 13.34 2.53
C VAL A 126 -3.12 13.93 3.72
N PRO A 127 -3.72 14.84 4.48
CA PRO A 127 -2.91 15.70 5.36
C PRO A 127 -2.52 15.10 6.70
N GLY A 128 -3.02 13.93 7.06
CA GLY A 128 -2.78 13.40 8.39
C GLY A 128 -1.42 12.80 8.59
N GLY A 129 -0.61 12.67 7.53
CA GLY A 129 0.71 12.11 7.65
C GLY A 129 0.73 10.60 7.44
N GLU A 130 1.94 10.06 7.41
CA GLU A 130 2.16 8.64 7.28
C GLU A 130 1.89 7.91 8.59
N MET A 131 1.28 6.72 8.49
CA MET A 131 1.21 5.84 9.65
C MET A 131 2.58 5.68 10.28
N PHE A 132 3.62 5.54 9.46
CA PHE A 132 4.99 5.36 9.92
C PHE A 132 5.37 6.33 11.04
N SER A 133 5.16 7.62 10.85
N SER A 133 5.18 7.64 10.81
CA SER A 133 5.63 8.55 11.87
CA SER A 133 5.54 8.65 11.80
C SER A 133 4.77 8.55 13.13
C SER A 133 4.78 8.42 13.10
N HIS A 134 3.46 8.30 13.00
CA HIS A 134 2.63 8.14 14.18
C HIS A 134 3.03 6.91 14.98
N LEU A 135 3.34 5.82 14.29
CA LEU A 135 3.73 4.58 14.95
C LEU A 135 5.08 4.72 15.62
N ARG A 136 6.05 5.35 14.95
CA ARG A 136 7.36 5.54 15.56
C ARG A 136 7.26 6.46 16.76
N ARG A 137 6.37 7.45 16.72
CA ARG A 137 6.26 8.40 17.83
C ARG A 137 5.64 7.76 19.06
N ILE A 138 4.59 6.96 18.88
CA ILE A 138 3.90 6.34 20.01
C ILE A 138 4.57 5.05 20.45
N GLY A 139 5.31 4.39 19.56
CA GLY A 139 5.91 3.11 19.89
C GLY A 139 5.15 1.99 19.24
N ARG A 140 3.98 1.66 19.77
CA ARG A 140 3.14 0.62 19.18
C ARG A 140 1.69 1.02 19.37
N PHE A 141 0.84 0.45 18.52
CA PHE A 141 -0.60 0.62 18.63
C PHE A 141 -1.18 -0.50 19.48
N SER A 142 -2.29 -0.19 20.13
CA SER A 142 -3.05 -1.21 20.84
C SER A 142 -3.61 -2.20 19.82
N GLU A 143 -3.95 -3.40 20.26
CA GLU A 143 -4.55 -4.35 19.33
C GLU A 143 -5.83 -3.81 18.69
N PRO A 144 -6.75 -3.19 19.41
CA PRO A 144 -7.93 -2.65 18.71
C PRO A 144 -7.58 -1.63 17.66
N HIS A 145 -6.57 -0.77 17.95
N HIS A 145 -6.56 -0.79 17.89
CA HIS A 145 -6.08 0.26 17.03
CA HIS A 145 -6.22 0.21 16.90
C HIS A 145 -5.49 -0.39 15.78
C HIS A 145 -5.49 -0.42 15.72
N ALA A 146 -4.57 -1.34 15.98
CA ALA A 146 -3.96 -2.08 14.87
C ALA A 146 -5.02 -2.79 14.05
N ARG A 147 -6.04 -3.34 14.71
CA ARG A 147 -7.08 -4.09 14.02
C ARG A 147 -7.91 -3.18 13.10
N PHE A 148 -8.22 -1.96 13.56
CA PHE A 148 -8.95 -1.00 12.74
C PHE A 148 -8.21 -0.72 11.45
N TYR A 149 -6.88 -0.48 11.52
CA TYR A 149 -6.11 -0.24 10.30
C TYR A 149 -6.00 -1.51 9.48
N ALA A 150 -5.74 -2.65 10.12
CA ALA A 150 -5.57 -3.90 9.41
C ALA A 150 -6.82 -4.24 8.62
N ALA A 151 -8.01 -3.99 9.17
CA ALA A 151 -9.24 -4.33 8.48
C ALA A 151 -9.32 -3.57 7.16
N GLN A 152 -8.87 -2.31 7.16
CA GLN A 152 -8.90 -1.54 5.91
C GLN A 152 -7.98 -2.17 4.86
N ILE A 153 -6.80 -2.64 5.28
CA ILE A 153 -5.89 -3.30 4.36
C ILE A 153 -6.49 -4.59 3.84
N VAL A 154 -7.12 -5.39 4.70
CA VAL A 154 -7.75 -6.63 4.25
C VAL A 154 -8.77 -6.34 3.15
N LEU A 155 -9.64 -5.34 3.36
CA LEU A 155 -10.66 -5.02 2.36
C LEU A 155 -10.01 -4.50 1.09
N THR A 156 -8.96 -3.69 1.23
CA THR A 156 -8.28 -3.13 0.07
C THR A 156 -7.62 -4.23 -0.76
N PHE A 157 -6.97 -5.19 -0.09
CA PHE A 157 -6.38 -6.30 -0.81
C PHE A 157 -7.45 -7.21 -1.41
N GLU A 158 -8.55 -7.43 -0.70
CA GLU A 158 -9.64 -8.19 -1.31
C GLU A 158 -10.06 -7.54 -2.62
N TYR A 159 -10.22 -6.22 -2.62
CA TYR A 159 -10.57 -5.48 -3.83
C TYR A 159 -9.49 -5.64 -4.90
N LEU A 160 -8.23 -5.29 -4.57
CA LEU A 160 -7.18 -5.30 -5.58
C LEU A 160 -7.02 -6.70 -6.16
N HIS A 161 -6.97 -7.72 -5.31
CA HIS A 161 -6.73 -9.07 -5.79
C HIS A 161 -7.86 -9.56 -6.69
N SER A 162 -9.09 -9.10 -6.43
CA SER A 162 -10.23 -9.47 -7.30
C SER A 162 -10.03 -8.96 -8.71
N LEU A 163 -9.28 -7.87 -8.87
CA LEU A 163 -8.95 -7.26 -10.16
C LEU A 163 -7.67 -7.81 -10.72
N ASP A 164 -7.11 -8.87 -10.11
CA ASP A 164 -5.80 -9.46 -10.47
C ASP A 164 -4.66 -8.49 -10.29
N LEU A 165 -4.78 -7.58 -9.32
CA LEU A 165 -3.72 -6.65 -8.98
C LEU A 165 -3.02 -7.10 -7.71
N ILE A 166 -1.69 -7.19 -7.76
CA ILE A 166 -0.85 -7.40 -6.58
C ILE A 166 -0.25 -6.05 -6.21
N TYR A 167 -0.19 -5.74 -4.91
CA TYR A 167 0.27 -4.43 -4.45
C TYR A 167 1.79 -4.36 -4.26
N ARG A 168 2.35 -5.31 -3.51
CA ARG A 168 3.79 -5.56 -3.46
C ARG A 168 4.61 -4.52 -2.70
N ASP A 169 4.03 -3.58 -2.00
CA ASP A 169 4.87 -2.68 -1.19
C ASP A 169 4.14 -2.22 0.08
N LEU A 170 3.42 -3.13 0.73
CA LEU A 170 2.76 -2.74 1.98
C LEU A 170 3.81 -2.42 3.03
N LYS A 171 3.63 -1.30 3.74
CA LYS A 171 4.47 -0.87 4.86
C LYS A 171 3.86 0.41 5.42
N PRO A 172 4.16 0.77 6.69
CA PRO A 172 3.55 1.97 7.26
C PRO A 172 3.91 3.25 6.52
N GLU A 173 5.08 3.29 5.86
CA GLU A 173 5.47 4.45 5.06
C GLU A 173 4.48 4.76 3.96
N ASN A 174 3.77 3.76 3.46
CA ASN A 174 2.90 3.90 2.32
C ASN A 174 1.43 4.04 2.72
N LEU A 175 1.13 4.21 4.00
CA LEU A 175 -0.25 4.28 4.49
C LEU A 175 -0.45 5.66 5.10
N LEU A 176 -1.27 6.49 4.47
CA LEU A 176 -1.49 7.84 4.95
C LEU A 176 -2.78 7.87 5.76
N ILE A 177 -2.83 8.75 6.75
CA ILE A 177 -4.01 8.90 7.60
C ILE A 177 -4.80 10.12 7.11
N ASP A 178 -6.08 9.92 6.83
CA ASP A 178 -6.89 11.00 6.30
C ASP A 178 -7.55 11.79 7.43
N GLN A 179 -8.34 12.82 7.05
CA GLN A 179 -8.88 13.71 8.06
C GLN A 179 -9.90 13.04 8.97
N GLN A 180 -10.41 11.87 8.59
CA GLN A 180 -11.31 11.08 9.43
C GLN A 180 -10.59 9.95 10.17
N GLY A 181 -9.27 9.87 10.06
CA GLY A 181 -8.51 8.83 10.71
C GLY A 181 -8.46 7.50 9.98
N TYR A 182 -8.97 7.44 8.75
CA TYR A 182 -8.90 6.25 7.93
C TYR A 182 -7.66 6.27 7.04
N ILE A 183 -7.34 5.10 6.49
CA ILE A 183 -6.13 4.91 5.68
C ILE A 183 -6.36 5.28 4.23
N GLN A 184 -5.33 5.84 3.62
CA GLN A 184 -5.20 5.94 2.18
C GLN A 184 -3.87 5.28 1.78
N VAL A 185 -3.95 4.24 0.97
CA VAL A 185 -2.76 3.60 0.44
C VAL A 185 -2.25 4.45 -0.70
N THR A 186 -0.96 4.78 -0.65
CA THR A 186 -0.30 5.44 -1.72
C THR A 186 0.86 4.59 -2.23
N ASP A 187 1.47 5.05 -3.29
CA ASP A 187 2.68 4.46 -3.83
C ASP A 187 2.35 3.13 -4.49
N PHE A 188 1.86 3.20 -5.70
CA PHE A 188 1.57 2.02 -6.48
C PHE A 188 2.75 1.64 -7.39
N GLY A 189 3.97 2.05 -7.02
CA GLY A 189 5.14 1.85 -7.86
C GLY A 189 5.45 0.40 -8.13
N PHE A 190 5.00 -0.52 -7.27
N PHE A 190 5.00 -0.53 -7.29
CA PHE A 190 5.25 -1.94 -7.43
CA PHE A 190 5.24 -1.95 -7.57
C PHE A 190 3.97 -2.74 -7.70
C PHE A 190 3.98 -2.71 -7.91
N ALA A 191 2.83 -2.06 -7.89
CA ALA A 191 1.60 -2.77 -8.16
C ALA A 191 1.60 -3.27 -9.61
N LYS A 192 0.99 -4.44 -9.82
CA LYS A 192 1.02 -5.05 -11.14
C LYS A 192 -0.21 -5.91 -11.34
N ARG A 193 -0.72 -5.88 -12.55
CA ARG A 193 -1.78 -6.80 -12.93
C ARG A 193 -1.15 -8.14 -13.31
N VAL A 194 -1.53 -9.18 -12.58
CA VAL A 194 -0.89 -10.50 -12.66
C VAL A 194 -2.00 -11.54 -12.62
N LYS A 195 -2.10 -12.37 -13.67
CA LYS A 195 -3.17 -13.37 -13.66
C LYS A 195 -2.83 -14.62 -12.84
N GLY A 196 -1.56 -15.00 -12.79
CA GLY A 196 -1.08 -16.15 -12.04
C GLY A 196 0.18 -15.79 -11.26
N ARG A 197 1.34 -16.10 -11.86
N ARG A 197 1.35 -16.07 -11.84
CA ARG A 197 2.65 -15.86 -11.28
CA ARG A 197 2.58 -15.78 -11.13
C ARG A 197 3.27 -14.58 -11.84
C ARG A 197 3.39 -14.72 -11.86
N THR A 198 4.24 -14.05 -11.09
CA THR A 198 5.15 -13.03 -11.59
C THR A 198 6.51 -13.27 -10.97
N TRP A 199 7.55 -12.63 -11.50
CA TRP A 199 8.91 -13.04 -11.18
C TRP A 199 9.86 -11.90 -10.73
N LEU A 201 12.06 -9.43 -8.69
CA LEU A 201 12.54 -9.29 -7.33
C LEU A 201 12.34 -7.84 -6.92
N CYS A 202 11.28 -7.53 -6.18
CA CYS A 202 11.03 -6.15 -5.78
C CYS A 202 10.23 -6.15 -4.48
N GLY A 203 10.29 -5.02 -3.80
CA GLY A 203 9.57 -4.76 -2.58
C GLY A 203 10.49 -4.12 -1.56
N THR A 204 10.10 -4.16 -0.31
CA THR A 204 10.93 -3.61 0.77
C THR A 204 11.41 -4.74 1.67
N PRO A 205 12.72 -4.83 1.95
CA PRO A 205 13.27 -6.03 2.61
C PRO A 205 12.45 -6.63 3.74
N GLU A 206 12.10 -5.82 4.74
CA GLU A 206 11.42 -6.35 5.91
C GLU A 206 10.07 -6.96 5.61
N TYR A 207 9.45 -6.59 4.49
CA TYR A 207 8.11 -7.00 4.10
C TYR A 207 8.07 -8.07 3.02
N LEU A 208 9.23 -8.50 2.50
CA LEU A 208 9.28 -9.52 1.46
C LEU A 208 8.91 -10.91 1.95
N ALA A 209 8.03 -11.56 1.20
CA ALA A 209 7.74 -12.96 1.45
C ALA A 209 8.93 -13.83 1.07
N PRO A 210 9.05 -15.01 1.71
CA PRO A 210 10.21 -15.87 1.43
C PRO A 210 10.32 -16.24 -0.04
N GLU A 211 9.20 -16.49 -0.70
CA GLU A 211 9.26 -16.90 -2.10
C GLU A 211 9.82 -15.79 -3.00
N ILE A 212 9.68 -14.51 -2.64
CA ILE A 212 10.33 -13.47 -3.42
C ILE A 212 11.84 -13.59 -3.27
N ILE A 213 12.31 -13.64 -2.01
CA ILE A 213 13.73 -13.70 -1.70
C ILE A 213 14.38 -14.89 -2.37
N LEU A 214 13.68 -16.01 -2.45
CA LEU A 214 14.19 -17.25 -3.02
C LEU A 214 14.05 -17.31 -4.54
N SER A 215 13.72 -16.20 -5.19
CA SER A 215 13.70 -16.14 -6.65
C SER A 215 12.75 -17.17 -7.26
N LYS A 216 11.62 -17.37 -6.61
CA LYS A 216 10.55 -18.22 -7.14
C LYS A 216 9.47 -17.34 -7.75
N GLY A 217 8.82 -17.84 -8.80
CA GLY A 217 7.63 -17.20 -9.28
C GLY A 217 6.62 -17.18 -8.17
N TYR A 218 5.99 -16.05 -7.96
CA TYR A 218 5.10 -15.90 -6.84
C TYR A 218 3.81 -15.23 -7.26
N ASN A 219 2.86 -15.22 -6.34
CA ASN A 219 1.51 -14.75 -6.62
C ASN A 219 1.04 -13.75 -5.57
N LYS A 220 -0.26 -13.45 -5.58
CA LYS A 220 -0.82 -12.43 -4.70
C LYS A 220 -0.66 -12.78 -3.22
N ALA A 221 -0.32 -14.02 -2.90
CA ALA A 221 -0.13 -14.36 -1.49
C ALA A 221 1.04 -13.62 -0.85
N VAL A 222 1.95 -13.03 -1.65
CA VAL A 222 2.97 -12.17 -1.06
C VAL A 222 2.37 -11.00 -0.31
N ASP A 223 1.20 -10.49 -0.77
CA ASP A 223 0.55 -9.38 -0.07
C ASP A 223 -0.01 -9.83 1.28
N TRP A 224 -0.48 -11.06 1.39
CA TRP A 224 -0.98 -11.55 2.67
C TRP A 224 0.16 -11.77 3.67
N TRP A 225 1.30 -12.28 3.21
CA TRP A 225 2.48 -12.31 4.05
C TRP A 225 2.79 -10.89 4.55
N ALA A 226 2.85 -9.92 3.64
CA ALA A 226 3.14 -8.54 4.01
C ALA A 226 2.15 -7.99 5.02
N LEU A 227 0.87 -8.37 4.91
CA LEU A 227 -0.10 -7.98 5.93
C LEU A 227 0.31 -8.50 7.31
N GLY A 228 0.77 -9.76 7.37
CA GLY A 228 1.28 -10.28 8.62
C GLY A 228 2.41 -9.44 9.18
N VAL A 229 3.35 -9.04 8.33
CA VAL A 229 4.44 -8.17 8.78
C VAL A 229 3.89 -6.87 9.31
N LEU A 230 2.92 -6.27 8.60
CA LEU A 230 2.37 -4.97 8.99
C LEU A 230 1.67 -5.07 10.34
N ILE A 231 0.79 -6.06 10.49
CA ILE A 231 0.05 -6.20 11.75
C ILE A 231 1.04 -6.38 12.91
N TYR A 232 2.02 -7.26 12.72
CA TYR A 232 3.05 -7.45 13.73
C TYR A 232 3.73 -6.12 14.07
N GLU A 233 4.15 -5.35 13.06
CA GLU A 233 4.85 -4.09 13.33
C GLU A 233 3.94 -3.09 14.03
N MET A 234 2.67 -2.99 13.62
CA MET A 234 1.76 -2.07 14.28
C MET A 234 1.60 -2.43 15.76
N ALA A 235 1.48 -3.72 16.06
CA ALA A 235 1.18 -4.15 17.42
C ALA A 235 2.42 -4.26 18.29
N ALA A 236 3.59 -4.48 17.70
CA ALA A 236 4.84 -4.61 18.46
C ALA A 236 5.64 -3.32 18.50
N GLY A 237 5.61 -2.55 17.42
CA GLY A 237 6.44 -1.38 17.26
C GLY A 237 7.66 -1.61 16.41
N TYR A 238 7.90 -2.84 16.02
CA TYR A 238 9.01 -3.23 15.17
C TYR A 238 8.56 -4.46 14.39
N PRO A 239 9.13 -4.72 13.22
CA PRO A 239 8.68 -5.84 12.41
C PRO A 239 9.30 -7.16 12.85
N PRO A 240 8.76 -8.29 12.36
CA PRO A 240 9.15 -9.60 12.90
C PRO A 240 10.52 -10.05 12.46
N PHE A 241 11.04 -9.53 11.37
CA PHE A 241 12.34 -9.91 10.83
C PHE A 241 13.12 -8.61 10.75
N PHE A 242 13.96 -8.42 11.73
CA PHE A 242 14.48 -7.10 12.10
C PHE A 242 15.99 -7.25 12.22
N ALA A 243 16.73 -6.56 11.36
CA ALA A 243 18.19 -6.59 11.37
C ALA A 243 18.72 -5.37 10.62
N ASP A 244 19.98 -5.06 10.85
CA ASP A 244 20.51 -3.80 10.32
C ASP A 244 20.68 -3.83 8.81
N GLN A 245 21.01 -4.98 8.22
CA GLN A 245 21.29 -5.04 6.79
C GLN A 245 20.33 -5.96 6.05
N PRO A 246 19.96 -5.61 4.82
CA PRO A 246 19.06 -6.49 4.06
C PRO A 246 19.41 -7.99 4.05
N ILE A 247 20.68 -8.36 3.82
CA ILE A 247 21.00 -9.79 3.75
C ILE A 247 20.65 -10.49 5.06
N GLN A 248 20.82 -9.82 6.19
CA GLN A 248 20.46 -10.44 7.46
C GLN A 248 18.93 -10.54 7.60
N ILE A 249 18.20 -9.52 7.13
CA ILE A 249 16.75 -9.58 7.13
C ILE A 249 16.27 -10.79 6.33
N TYR A 250 16.87 -11.00 5.15
CA TYR A 250 16.43 -12.07 4.27
C TYR A 250 16.65 -13.44 4.91
N GLU A 251 17.78 -13.64 5.60
CA GLU A 251 18.03 -14.91 6.26
C GLU A 251 16.99 -15.18 7.34
N LYS A 252 16.58 -14.15 8.09
CA LYS A 252 15.54 -14.34 9.10
C LYS A 252 14.20 -14.70 8.45
N ILE A 253 13.86 -14.06 7.34
CA ILE A 253 12.57 -14.31 6.70
C ILE A 253 12.49 -15.77 6.24
N VAL A 254 13.54 -16.26 5.60
N VAL A 254 13.56 -16.26 5.61
CA VAL A 254 13.47 -17.61 5.02
CA VAL A 254 13.53 -17.59 5.03
C VAL A 254 13.67 -18.72 6.04
C VAL A 254 13.50 -18.67 6.10
N SER A 255 14.07 -18.41 7.27
CA SER A 255 14.19 -19.43 8.29
C SER A 255 12.84 -20.10 8.66
N GLY A 256 11.72 -19.41 8.53
CA GLY A 256 10.47 -19.96 9.03
C GLY A 256 10.27 -19.84 10.52
N LYS A 257 10.93 -18.88 11.18
CA LYS A 257 10.84 -18.66 12.62
C LYS A 257 10.36 -17.24 12.89
N VAL A 258 9.43 -17.09 13.84
CA VAL A 258 8.95 -15.81 14.34
C VAL A 258 8.75 -15.90 15.85
N ARG A 259 9.15 -14.85 16.55
CA ARG A 259 8.94 -14.72 17.98
C ARG A 259 8.04 -13.52 18.21
N PHE A 260 7.21 -13.60 19.23
CA PHE A 260 6.19 -12.60 19.50
C PHE A 260 6.41 -11.94 20.85
N PRO A 261 6.12 -10.64 20.97
CA PRO A 261 6.11 -10.02 22.30
C PRO A 261 5.15 -10.73 23.25
N SER A 262 5.49 -10.68 24.55
CA SER A 262 4.66 -11.35 25.54
C SER A 262 3.31 -10.68 25.71
N HIS A 263 3.17 -9.44 25.25
CA HIS A 263 1.87 -8.78 25.33
C HIS A 263 0.93 -9.11 24.17
N PHE A 264 1.38 -9.80 23.11
CA PHE A 264 0.48 -10.17 22.04
C PHE A 264 -0.55 -11.17 22.56
N SER A 265 -1.82 -10.94 22.25
CA SER A 265 -2.85 -11.92 22.56
C SER A 265 -2.63 -13.22 21.78
N SER A 266 -3.19 -14.31 22.30
CA SER A 266 -3.11 -15.59 21.60
C SER A 266 -3.84 -15.55 20.27
N ASP A 267 -4.96 -14.82 20.19
CA ASP A 267 -5.64 -14.68 18.90
C ASP A 267 -4.73 -14.00 17.89
N LEU A 268 -4.02 -12.95 18.31
CA LEU A 268 -3.14 -12.25 17.38
C LEU A 268 -2.01 -13.17 16.92
N LYS A 269 -1.39 -13.88 17.86
CA LYS A 269 -0.31 -14.78 17.49
C LYS A 269 -0.80 -15.83 16.51
N ASP A 270 -2.00 -16.37 16.71
CA ASP A 270 -2.52 -17.40 15.79
C ASP A 270 -2.70 -16.82 14.40
N LEU A 271 -3.29 -15.63 14.31
CA LEU A 271 -3.44 -15.00 12.99
C LEU A 271 -2.09 -14.81 12.33
N LEU A 272 -1.13 -14.29 13.08
CA LEU A 272 0.17 -13.99 12.50
C LEU A 272 0.91 -15.25 12.07
N ARG A 273 0.81 -16.33 12.83
CA ARG A 273 1.46 -17.57 12.39
C ARG A 273 0.86 -18.07 11.08
N ASN A 274 -0.41 -17.78 10.84
CA ASN A 274 -1.07 -18.23 9.61
C ASN A 274 -0.82 -17.30 8.44
N LEU A 275 -0.49 -16.02 8.69
CA LEU A 275 -0.10 -15.11 7.60
C LEU A 275 1.39 -15.22 7.30
N LEU A 276 2.21 -15.29 8.35
CA LEU A 276 3.66 -15.42 8.20
C LEU A 276 4.06 -16.89 8.06
N GLN A 277 3.41 -17.54 7.12
CA GLN A 277 3.51 -18.98 6.87
C GLN A 277 4.34 -19.17 5.60
N VAL A 278 5.51 -19.77 5.75
N VAL A 278 5.50 -19.80 5.76
CA VAL A 278 6.35 -20.02 4.58
CA VAL A 278 6.38 -20.02 4.61
C VAL A 278 5.65 -20.94 3.60
C VAL A 278 5.76 -21.02 3.63
N ASP A 279 4.94 -21.95 4.12
CA ASP A 279 4.35 -22.99 3.27
C ASP A 279 3.11 -22.42 2.58
N LEU A 280 3.16 -22.24 1.26
CA LEU A 280 2.06 -21.60 0.54
C LEU A 280 0.78 -22.42 0.56
N THR A 281 0.88 -23.75 0.79
CA THR A 281 -0.32 -24.57 0.93
C THR A 281 -1.03 -24.34 2.25
N LYS A 282 -0.44 -23.54 3.16
CA LYS A 282 -1.02 -23.28 4.46
C LYS A 282 -1.24 -21.80 4.76
N ARG A 283 -0.77 -20.88 3.92
CA ARG A 283 -0.86 -19.46 4.23
C ARG A 283 -2.27 -18.93 4.06
N PHE A 284 -2.75 -18.25 5.09
CA PHE A 284 -4.05 -17.59 5.00
C PHE A 284 -4.07 -16.57 3.88
N GLY A 285 -5.19 -16.51 3.20
CA GLY A 285 -5.33 -15.76 2.00
C GLY A 285 -5.04 -16.56 0.76
N ASN A 286 -4.38 -17.71 0.89
CA ASN A 286 -3.98 -18.52 -0.25
C ASN A 286 -4.67 -19.87 -0.30
N LEU A 287 -5.68 -20.11 0.56
CA LEU A 287 -6.35 -21.39 0.66
C LEU A 287 -7.69 -21.36 -0.07
N LYS A 288 -8.39 -22.50 0.00
CA LYS A 288 -9.67 -22.64 -0.69
C LYS A 288 -10.65 -21.53 -0.31
N ASN A 289 -10.67 -21.12 0.96
N ASN A 289 -10.67 -21.14 0.97
CA ASN A 289 -11.63 -20.14 1.45
CA ASN A 289 -11.60 -20.16 1.52
C ASN A 289 -11.12 -18.71 1.30
C ASN A 289 -11.14 -18.72 1.27
N GLY A 290 -9.97 -18.53 0.64
CA GLY A 290 -9.52 -17.19 0.28
C GLY A 290 -9.45 -16.23 1.44
N VAL A 291 -9.96 -15.01 1.20
CA VAL A 291 -9.86 -13.93 2.18
C VAL A 291 -10.70 -14.25 3.40
N ASN A 292 -11.68 -15.14 3.26
CA ASN A 292 -12.56 -15.40 4.38
C ASN A 292 -11.83 -16.04 5.55
N ASP A 293 -10.73 -16.75 5.32
CA ASP A 293 -9.97 -17.29 6.44
C ASP A 293 -9.45 -16.17 7.31
N ILE A 294 -9.13 -15.03 6.71
CA ILE A 294 -8.66 -13.88 7.47
C ILE A 294 -9.84 -13.15 8.10
N LYS A 295 -10.87 -12.84 7.31
CA LYS A 295 -11.96 -12.01 7.80
C LYS A 295 -12.73 -12.72 8.93
N ASN A 296 -12.76 -14.04 8.92
CA ASN A 296 -13.49 -14.81 9.92
C ASN A 296 -12.60 -15.29 11.07
N HIS A 297 -11.34 -14.87 11.11
CA HIS A 297 -10.47 -15.27 12.20
C HIS A 297 -10.94 -14.62 13.49
N LYS A 298 -10.71 -15.33 14.61
CA LYS A 298 -11.07 -14.80 15.92
C LYS A 298 -10.55 -13.40 16.18
N TRP A 299 -9.34 -13.08 15.70
CA TRP A 299 -8.81 -11.75 16.03
C TRP A 299 -9.67 -10.64 15.43
N PHE A 300 -10.39 -10.93 14.35
CA PHE A 300 -11.28 -9.96 13.70
C PHE A 300 -12.74 -10.13 14.10
N ALA A 301 -13.03 -10.91 15.14
CA ALA A 301 -14.43 -11.20 15.51
C ALA A 301 -15.25 -9.93 15.77
N THR A 302 -14.63 -8.90 16.35
CA THR A 302 -15.32 -7.64 16.65
C THR A 302 -15.42 -6.70 15.46
N THR A 303 -14.80 -7.03 14.34
CA THR A 303 -14.78 -6.15 13.17
C THR A 303 -16.08 -6.24 12.38
N ASP A 304 -16.72 -5.09 12.19
CA ASP A 304 -17.90 -4.94 11.33
C ASP A 304 -17.36 -4.50 9.97
N TRP A 305 -17.18 -5.47 9.08
CA TRP A 305 -16.54 -5.22 7.80
C TRP A 305 -17.26 -4.14 6.98
N ILE A 306 -18.60 -4.17 6.95
CA ILE A 306 -19.32 -3.16 6.18
C ILE A 306 -19.17 -1.80 6.81
N ALA A 307 -19.23 -1.73 8.15
CA ALA A 307 -19.08 -0.42 8.80
C ALA A 307 -17.70 0.16 8.52
N ILE A 308 -16.65 -0.67 8.47
CA ILE A 308 -15.32 -0.21 8.10
C ILE A 308 -15.33 0.33 6.67
N TYR A 309 -15.88 -0.44 5.74
CA TYR A 309 -15.97 0.03 4.36
C TYR A 309 -16.72 1.37 4.27
N GLN A 310 -17.81 1.52 5.04
CA GLN A 310 -18.61 2.75 5.02
C GLN A 310 -18.01 3.87 5.84
N ARG A 311 -16.89 3.62 6.51
CA ARG A 311 -16.18 4.62 7.30
C ARG A 311 -17.05 5.14 8.45
N LYS A 312 -17.83 4.24 9.02
CA LYS A 312 -18.76 4.56 10.12
C LYS A 312 -18.23 4.12 11.48
N VAL A 313 -17.06 3.48 11.54
CA VAL A 313 -16.41 3.09 12.79
C VAL A 313 -15.62 4.28 13.29
N GLU A 314 -15.70 4.55 14.60
CA GLU A 314 -14.91 5.62 15.19
C GLU A 314 -13.42 5.29 15.05
N ALA A 315 -12.66 6.24 14.54
CA ALA A 315 -11.25 6.01 14.34
C ALA A 315 -10.47 6.15 15.65
N PRO A 316 -9.32 5.46 15.75
CA PRO A 316 -8.47 5.59 16.93
C PRO A 316 -8.00 7.00 17.19
N PHE A 317 -7.72 7.74 16.13
CA PHE A 317 -7.45 9.17 16.30
C PHE A 317 -7.67 9.88 14.99
N ILE A 318 -7.94 11.17 15.14
CA ILE A 318 -8.16 12.13 14.08
C ILE A 318 -6.94 13.04 14.06
N PRO A 319 -6.18 13.09 12.97
CA PRO A 319 -5.04 14.00 12.94
C PRO A 319 -5.50 15.43 13.16
N LYS A 320 -4.64 16.21 13.80
CA LYS A 320 -4.85 17.64 13.87
C LYS A 320 -4.67 18.24 12.48
N PHE A 321 -5.63 19.06 12.07
CA PHE A 321 -5.59 19.72 10.77
C PHE A 321 -5.84 21.20 11.00
N LYS A 322 -4.87 22.03 10.63
CA LYS A 322 -4.93 23.46 10.87
C LYS A 322 -5.07 24.19 9.55
N GLY A 323 -6.08 23.84 8.77
CA GLY A 323 -6.37 24.52 7.53
C GLY A 323 -5.85 23.78 6.31
N PRO A 324 -6.35 24.15 5.14
CA PRO A 324 -5.87 23.50 3.92
C PRO A 324 -4.41 23.85 3.67
N GLY A 325 -3.71 22.89 3.10
CA GLY A 325 -2.28 23.03 2.83
C GLY A 325 -1.38 22.88 4.04
N ASP A 326 -1.92 22.64 5.22
CA ASP A 326 -1.07 22.40 6.39
C ASP A 326 -0.25 21.12 6.20
N THR A 327 1.04 21.19 6.56
CA THR A 327 1.96 20.06 6.42
C THR A 327 2.54 19.64 7.77
N SER A 328 1.91 20.05 8.87
CA SER A 328 2.45 19.78 10.20
C SER A 328 2.61 18.31 10.54
N ASN A 329 1.90 17.41 9.87
CA ASN A 329 1.97 15.98 10.16
C ASN A 329 3.00 15.25 9.34
N PHE A 330 3.83 15.98 8.59
CA PHE A 330 4.90 15.42 7.78
C PHE A 330 6.26 15.90 8.26
N ASP A 331 7.22 15.01 8.12
CA ASP A 331 8.59 15.35 8.45
C ASP A 331 9.14 16.25 7.35
N ASP A 332 10.24 16.93 7.67
CA ASP A 332 10.92 17.79 6.71
C ASP A 332 11.93 17.02 5.86
N TYR A 333 12.13 17.51 4.63
CA TYR A 333 13.07 16.92 3.70
C TYR A 333 13.85 18.05 3.01
N GLU A 334 15.04 17.72 2.53
CA GLU A 334 15.82 18.71 1.82
C GLU A 334 15.11 19.07 0.52
N GLU A 335 15.01 20.36 0.22
CA GLU A 335 14.33 20.82 -0.98
C GLU A 335 15.31 20.95 -2.13
N GLU A 336 14.95 20.41 -3.28
CA GLU A 336 15.79 20.48 -4.48
C GLU A 336 14.94 21.05 -5.61
N GLU A 337 15.49 22.00 -6.36
CA GLU A 337 14.73 22.66 -7.40
C GLU A 337 14.34 21.65 -8.49
N ILE A 338 13.20 21.89 -9.12
CA ILE A 338 12.73 21.05 -10.21
C ILE A 338 13.23 21.67 -11.51
N ARG A 339 14.21 21.01 -12.14
CA ARG A 339 14.81 21.51 -13.37
C ARG A 339 14.24 20.74 -14.56
N VAL A 340 13.80 21.47 -15.58
CA VAL A 340 13.27 20.86 -16.78
C VAL A 340 14.20 21.15 -17.96
N ILE A 342 16.08 21.38 -21.62
CA ILE A 342 15.56 21.92 -22.86
C ILE A 342 15.44 20.83 -23.93
N ASN A 343 15.96 19.65 -23.62
CA ASN A 343 15.92 18.50 -24.52
C ASN A 343 15.11 17.37 -23.90
N GLU A 344 14.24 16.76 -24.69
CA GLU A 344 13.46 15.64 -24.19
C GLU A 344 14.38 14.47 -23.85
N LYS A 345 14.15 13.86 -22.70
CA LYS A 345 14.93 12.72 -22.26
C LYS A 345 14.05 11.47 -22.29
N CYS A 346 14.64 10.36 -22.71
CA CYS A 346 13.99 9.05 -22.64
C CYS A 346 12.57 9.09 -23.20
N GLY A 347 12.39 9.79 -24.31
CA GLY A 347 11.05 9.93 -24.89
C GLY A 347 10.47 8.60 -25.33
N LYS A 348 11.30 7.75 -25.94
CA LYS A 348 10.79 6.46 -26.44
C LYS A 348 10.42 5.52 -25.29
N GLU A 349 11.13 5.57 -24.16
CA GLU A 349 10.84 4.66 -23.06
C GLU A 349 9.50 4.96 -22.39
N PHE A 350 9.03 6.21 -22.48
CA PHE A 350 7.83 6.62 -21.76
C PHE A 350 6.72 7.08 -22.69
N THR A 351 6.68 6.52 -23.91
CA THR A 351 5.67 6.92 -24.87
C THR A 351 4.26 6.74 -24.31
N GLU A 352 4.04 5.68 -23.55
CA GLU A 352 2.69 5.36 -23.10
C GLU A 352 2.24 6.13 -21.86
N PHE A 353 3.14 6.84 -21.19
CA PHE A 353 2.78 7.50 -19.95
C PHE A 353 1.91 8.75 -20.21
N ALA B 3 18.68 -5.59 17.06
CA ALA B 3 18.96 -4.32 16.41
C ALA B 3 18.40 -4.40 14.99
N GLY B 4 17.83 -3.30 14.47
CA GLY B 4 17.36 -3.25 13.11
C GLY B 4 17.00 -1.83 12.71
N ARG B 5 16.40 -1.69 11.53
CA ARG B 5 16.26 -0.37 10.92
C ARG B 5 15.03 0.33 11.48
N THR B 6 15.21 1.53 12.04
CA THR B 6 14.10 2.26 12.62
C THR B 6 13.60 3.41 11.76
N GLY B 7 14.38 3.83 10.77
CA GLY B 7 13.97 4.91 9.89
C GLY B 7 13.17 4.40 8.70
N ARG B 8 12.82 5.32 7.81
CA ARG B 8 12.05 4.95 6.64
C ARG B 8 12.86 4.01 5.77
N ARG B 9 12.17 3.03 5.19
CA ARG B 9 12.80 1.93 4.47
C ARG B 9 12.54 2.07 2.98
N GLN B 10 13.61 2.06 2.19
CA GLN B 10 13.50 2.22 0.74
C GLN B 10 13.16 0.88 0.10
N ALA B 11 12.32 0.91 -0.91
CA ALA B 11 12.09 -0.31 -1.68
C ALA B 11 13.32 -0.67 -2.51
N ILE B 12 13.36 -1.93 -2.91
CA ILE B 12 14.42 -2.47 -3.75
C ILE B 12 13.78 -2.90 -5.08
N HIS B 13 14.52 -2.67 -6.14
CA HIS B 13 14.12 -3.05 -7.49
C HIS B 13 14.77 -4.35 -7.91
N ASP B 14 15.74 -4.87 -7.13
CA ASP B 14 16.42 -6.12 -7.44
C ASP B 14 17.13 -6.63 -6.19
N ILE B 15 17.60 -7.87 -6.25
CA ILE B 15 18.34 -8.48 -5.14
C ILE B 15 17.48 -8.52 -3.88
#